data_6PU3
#
_entry.id   6PU3
#
_cell.length_a   65.100
_cell.length_b   76.010
_cell.length_c   127.880
_cell.angle_alpha   90.000
_cell.angle_beta   90.000
_cell.angle_gamma   90.000
#
_symmetry.space_group_name_H-M   'P 21 21 21'
#
loop_
_entity.id
_entity.type
_entity.pdbx_description
1 polymer 'Heme-binding protein A'
2 polymer SER-THR-SER-ALA
3 water water
#
loop_
_entity_poly.entity_id
_entity_poly.type
_entity_poly.pdbx_seq_one_letter_code
_entity_poly.pdbx_strand_id
1 'polypeptide(L)'
;GIDPFTSENPNATLNPSKENISVKEQKRFGGVLVFARGADGSSMDPALVTDGESYVATGNIYDTLVQFKYGTTEIEPALA
TSWDISPDGLVYTFHLRKGVYFHQTKYWNKKVEFSAKDVLFSFERQMDKAKRYYSPGAKSYKYWEGMGMSHIIKSIEALD
DYTIRFTLNGPEAPFLANLGMDFLSILSKDYADYLEQNNKKDELAKKPVGTGPFKFFLWNKDEKIILLKNQDYWGPKAYL
DKVVVRTIPNSSTRALALRTGEIMLMTGPNLNEVEQLEKLPNIVVDKSAGLLASWLSLNTQKKYFNNPLVRLAINHAINV
DDYIKVIYEGFAQKMVNPFPPTIWGYNYNIKPYEYDLKKAKELLKQAGYPNGFKTTIFTTSTRNPKGAVFIQASLAKIGI
DVKIEVYEWGAYLKRTGLGEHEMAFAGWMADIADPDNFLYTLWSKQAASAIPTQNGSFYKSDAFSDLLIKAKRVSDQKER
EALYLKAQEIIHKDAPYVPLAYPYSVVPHLSKVKGYKTTGVSVNRFFKVYLEK
;
A
2 'polypeptide(L)' STSA B
#
# COMPACT_ATOMS: atom_id res chain seq x y z
N SER A 22 -10.92 -31.10 13.72
CA SER A 22 -12.26 -30.74 14.26
C SER A 22 -13.36 -30.91 13.22
N VAL A 23 -14.59 -31.19 13.63
CA VAL A 23 -15.73 -31.40 12.72
C VAL A 23 -16.36 -30.13 12.13
N LYS A 24 -16.43 -29.05 12.90
CA LYS A 24 -16.90 -27.77 12.41
C LYS A 24 -15.85 -27.25 11.42
N GLU A 25 -14.59 -27.43 11.80
CA GLU A 25 -13.52 -27.03 10.91
C GLU A 25 -13.57 -27.74 9.57
N GLN A 26 -13.81 -29.06 9.61
CA GLN A 26 -13.73 -29.88 8.40
C GLN A 26 -14.68 -29.39 7.31
N LYS A 27 -15.85 -28.96 7.75
CA LYS A 27 -16.86 -28.41 6.83
C LYS A 27 -16.42 -27.12 6.17
N ARG A 28 -15.42 -26.44 6.72
CA ARG A 28 -14.95 -25.19 6.11
C ARG A 28 -14.19 -25.46 4.82
N PHE A 29 -13.58 -26.63 4.65
CA PHE A 29 -12.74 -26.86 3.49
C PHE A 29 -13.45 -27.01 2.14
N GLY A 30 -12.80 -26.51 1.09
CA GLY A 30 -13.22 -26.72 -0.28
C GLY A 30 -13.93 -25.54 -0.91
N GLY A 31 -13.67 -25.36 -2.19
CA GLY A 31 -14.44 -24.46 -3.03
C GLY A 31 -13.58 -23.46 -3.75
N VAL A 32 -14.25 -22.69 -4.61
CA VAL A 32 -13.66 -21.63 -5.40
C VAL A 32 -14.21 -20.27 -4.98
N LEU A 33 -13.31 -19.32 -4.73
CA LEU A 33 -13.69 -17.94 -4.42
C LEU A 33 -13.39 -17.09 -5.66
N VAL A 34 -14.35 -16.28 -6.08
CA VAL A 34 -14.13 -15.37 -7.18
C VAL A 34 -14.14 -13.96 -6.58
N PHE A 35 -12.99 -13.28 -6.60
CA PHE A 35 -12.78 -11.95 -6.01
C PHE A 35 -12.69 -10.98 -7.17
N ALA A 36 -13.30 -9.79 -7.05
CA ALA A 36 -13.16 -8.82 -8.13
C ALA A 36 -12.75 -7.44 -7.64
N ARG A 37 -11.97 -6.81 -8.49
CA ARG A 37 -11.38 -5.52 -8.17
C ARG A 37 -11.26 -4.66 -9.42
N GLY A 38 -10.87 -3.41 -9.24
CA GLY A 38 -10.99 -2.39 -10.30
C GLY A 38 -9.81 -2.24 -11.23
N ALA A 39 -8.61 -2.66 -10.77
CA ALA A 39 -7.40 -2.55 -11.62
C ALA A 39 -6.45 -3.72 -11.37
N ASP A 40 -5.82 -4.19 -12.43
CA ASP A 40 -4.95 -5.35 -12.31
C ASP A 40 -3.67 -4.97 -11.57
N GLY A 41 -3.00 -6.01 -11.08
CA GLY A 41 -1.63 -5.83 -10.61
C GLY A 41 -0.66 -5.52 -11.73
N SER A 42 0.53 -5.05 -11.34
CA SER A 42 1.55 -4.60 -12.28
C SER A 42 2.76 -5.52 -12.33
N SER A 43 2.91 -6.42 -11.35
CA SER A 43 4.04 -7.35 -11.30
C SER A 43 3.73 -8.53 -10.40
N MET A 44 4.47 -9.63 -10.57
CA MET A 44 4.45 -10.71 -9.59
C MET A 44 5.70 -10.75 -8.67
N ASP A 45 6.57 -9.74 -8.79
CA ASP A 45 7.68 -9.54 -7.82
C ASP A 45 7.26 -8.34 -6.98
N PRO A 46 6.88 -8.56 -5.72
CA PRO A 46 6.39 -7.42 -4.94
C PRO A 46 7.41 -6.34 -4.63
N ALA A 47 8.72 -6.64 -4.76
CA ALA A 47 9.73 -5.62 -4.54
C ALA A 47 9.81 -4.56 -5.62
N LEU A 48 9.19 -4.81 -6.75
CA LEU A 48 9.21 -3.91 -7.88
C LEU A 48 8.03 -2.96 -7.93
N VAL A 49 7.02 -3.16 -7.08
CA VAL A 49 5.79 -2.36 -7.21
C VAL A 49 5.40 -1.87 -5.80
N THR A 50 4.45 -0.96 -5.70
CA THR A 50 4.06 -0.37 -4.41
C THR A 50 2.57 -0.38 -4.11
N ASP A 51 1.75 -0.93 -4.99
CA ASP A 51 0.31 -0.73 -4.93
C ASP A 51 -0.43 -1.98 -4.43
N GLY A 52 -1.53 -1.70 -3.76
CA GLY A 52 -2.42 -2.75 -3.23
C GLY A 52 -2.93 -3.72 -4.27
N GLU A 53 -3.27 -3.23 -5.46
CA GLU A 53 -3.77 -4.15 -6.47
C GLU A 53 -2.75 -5.24 -6.81
N SER A 54 -1.48 -4.87 -6.98
CA SER A 54 -0.41 -5.83 -7.18
C SER A 54 -0.30 -6.84 -6.04
N TYR A 55 -0.49 -6.31 -4.83
CA TYR A 55 -0.28 -7.16 -3.66
C TYR A 55 -1.44 -8.14 -3.35
N VAL A 56 -2.60 -7.95 -3.99
CA VAL A 56 -3.68 -8.96 -3.90
C VAL A 56 -3.10 -10.31 -4.23
N ALA A 57 -2.46 -10.44 -5.39
CA ALA A 57 -1.90 -11.73 -5.72
C ALA A 57 -0.64 -12.11 -4.94
N THR A 58 0.32 -11.19 -4.91
CA THR A 58 1.60 -11.55 -4.34
C THR A 58 1.51 -11.86 -2.85
N GLY A 59 0.65 -11.18 -2.12
CA GLY A 59 0.55 -11.44 -0.68
C GLY A 59 0.05 -12.83 -0.37
N ASN A 60 -0.61 -13.49 -1.33
CA ASN A 60 -1.00 -14.88 -1.15
C ASN A 60 0.06 -15.95 -1.54
N ILE A 61 0.97 -15.56 -2.39
CA ILE A 61 2.02 -16.40 -2.98
C ILE A 61 3.31 -16.45 -2.17
N TYR A 62 3.73 -15.29 -1.67
CA TYR A 62 4.96 -15.18 -0.92
C TYR A 62 4.79 -15.02 0.59
N ASP A 63 5.79 -15.49 1.34
CA ASP A 63 5.93 -15.20 2.75
C ASP A 63 7.09 -14.25 3.01
N THR A 64 7.08 -13.71 4.22
CA THR A 64 8.13 -12.83 4.75
C THR A 64 8.71 -13.48 6.00
N LEU A 65 9.76 -12.91 6.56
CA LEU A 65 10.35 -13.45 7.78
C LEU A 65 9.37 -13.45 8.95
N VAL A 66 8.63 -12.35 9.10
CA VAL A 66 7.55 -12.25 10.08
C VAL A 66 6.31 -11.86 9.28
N GLN A 67 5.13 -12.01 9.88
CA GLN A 67 3.87 -11.69 9.21
C GLN A 67 2.87 -11.07 10.18
N PHE A 68 1.78 -10.51 9.63
CA PHE A 68 0.73 -9.93 10.46
C PHE A 68 -0.41 -10.94 10.64
N LYS A 69 -0.79 -11.20 11.89
CA LYS A 69 -1.86 -12.15 12.20
C LYS A 69 -3.12 -11.67 11.49
N TYR A 70 -3.73 -12.56 10.71
CA TYR A 70 -4.81 -12.10 9.84
C TYR A 70 -5.91 -11.39 10.60
N GLY A 71 -6.27 -10.22 10.05
CA GLY A 71 -7.29 -9.33 10.64
C GLY A 71 -6.78 -8.29 11.61
N THR A 72 -5.46 -8.31 11.81
CA THR A 72 -4.81 -7.51 12.84
C THR A 72 -3.59 -6.80 12.29
N THR A 73 -2.97 -5.99 13.17
CA THR A 73 -1.65 -5.39 12.93
C THR A 73 -0.55 -5.97 13.83
N GLU A 74 -0.80 -7.17 14.36
CA GLU A 74 0.11 -7.86 15.28
C GLU A 74 1.11 -8.77 14.56
N ILE A 75 2.37 -8.64 14.92
CA ILE A 75 3.45 -9.40 14.29
C ILE A 75 3.45 -10.82 14.88
N GLU A 76 3.62 -11.81 14.01
CA GLU A 76 3.79 -13.18 14.45
C GLU A 76 4.82 -13.91 13.56
N PRO A 77 5.29 -15.07 13.99
CA PRO A 77 6.31 -15.72 13.16
C PRO A 77 5.82 -16.13 11.78
N ALA A 78 6.75 -16.17 10.84
CA ALA A 78 6.49 -16.65 9.49
C ALA A 78 7.66 -17.51 9.06
N LEU A 79 8.45 -17.11 8.07
CA LEU A 79 9.57 -17.90 7.61
C LEU A 79 10.68 -17.91 8.67
N ALA A 80 10.68 -16.94 9.60
CA ALA A 80 11.45 -17.07 10.84
C ALA A 80 10.53 -17.60 11.94
N THR A 81 10.96 -18.66 12.64
CA THR A 81 10.17 -19.19 13.77
C THR A 81 10.42 -18.40 15.06
N SER A 82 11.60 -17.79 15.25
CA SER A 82 11.87 -16.99 16.42
C SER A 82 13.02 -16.02 16.06
N TRP A 83 13.20 -15.06 16.95
CA TRP A 83 14.25 -14.05 16.75
C TRP A 83 14.67 -13.44 18.08
N ASP A 84 15.88 -12.90 18.07
CA ASP A 84 16.50 -12.21 19.21
C ASP A 84 16.97 -10.83 18.73
N ILE A 85 16.68 -9.79 19.49
CA ILE A 85 17.06 -8.41 19.16
C ILE A 85 17.94 -7.88 20.30
N SER A 86 19.12 -7.39 19.96
CA SER A 86 20.00 -6.83 20.96
C SER A 86 19.35 -5.60 21.65
N PRO A 87 19.67 -5.33 22.93
CA PRO A 87 18.95 -4.30 23.68
C PRO A 87 19.35 -2.86 23.29
N ASP A 88 20.34 -2.69 22.43
CA ASP A 88 20.68 -1.37 21.87
C ASP A 88 19.96 -1.22 20.50
N GLY A 89 19.16 -2.21 20.09
CA GLY A 89 18.49 -2.14 18.78
C GLY A 89 19.34 -2.37 17.55
N LEU A 90 20.59 -2.81 17.70
CA LEU A 90 21.53 -2.82 16.58
C LEU A 90 21.60 -4.18 15.85
N VAL A 91 21.27 -5.26 16.56
CA VAL A 91 21.44 -6.59 15.97
C VAL A 91 20.20 -7.45 16.07
N TYR A 92 19.74 -7.98 14.93
CA TYR A 92 18.54 -8.82 14.87
C TYR A 92 18.98 -10.16 14.27
N THR A 93 18.77 -11.21 15.04
CA THR A 93 19.11 -12.58 14.64
C THR A 93 17.79 -13.34 14.45
N PHE A 94 17.61 -13.83 13.24
CA PHE A 94 16.44 -14.66 12.87
C PHE A 94 16.77 -16.14 12.68
N HIS A 95 15.98 -17.00 13.33
CA HIS A 95 16.08 -18.47 13.26
C HIS A 95 15.00 -18.92 12.26
N LEU A 96 15.40 -19.45 11.11
CA LEU A 96 14.52 -19.76 9.99
C LEU A 96 13.85 -21.13 10.20
N ARG A 97 12.61 -21.15 9.74
CA ARG A 97 11.81 -22.38 9.69
C ARG A 97 12.44 -23.38 8.74
N LYS A 98 12.56 -24.63 9.21
CA LYS A 98 13.09 -25.73 8.40
C LYS A 98 11.98 -26.56 7.73
N GLY A 99 12.34 -27.25 6.65
CA GLY A 99 11.36 -28.07 5.93
C GLY A 99 10.31 -27.33 5.13
N VAL A 100 10.56 -26.08 4.77
CA VAL A 100 9.61 -25.31 4.00
C VAL A 100 10.07 -25.42 2.57
N TYR A 101 9.14 -25.68 1.66
CA TYR A 101 9.50 -25.86 0.26
C TYR A 101 8.84 -24.80 -0.59
N PHE A 102 9.55 -24.35 -1.63
CA PHE A 102 8.96 -23.44 -2.61
C PHE A 102 7.99 -24.23 -3.49
N HIS A 103 7.07 -23.48 -4.09
CA HIS A 103 5.98 -24.06 -4.92
C HIS A 103 6.57 -24.87 -6.08
N GLN A 104 5.89 -25.92 -6.48
CA GLN A 104 6.15 -26.47 -7.81
C GLN A 104 4.99 -26.14 -8.73
N THR A 105 5.30 -25.73 -9.95
CA THR A 105 4.32 -25.29 -10.93
C THR A 105 4.78 -25.93 -12.24
N LYS A 106 4.05 -25.62 -13.31
CA LYS A 106 4.46 -26.16 -14.62
C LYS A 106 5.80 -25.61 -15.09
N TYR A 107 6.16 -24.40 -14.68
CA TYR A 107 7.36 -23.70 -15.08
C TYR A 107 8.54 -23.83 -14.11
N TRP A 108 8.31 -24.46 -12.97
CA TRP A 108 9.37 -24.69 -12.00
C TRP A 108 8.99 -25.97 -11.31
N ASN A 109 9.52 -27.13 -11.75
CA ASN A 109 8.99 -28.36 -11.15
C ASN A 109 9.95 -29.03 -10.17
N LYS A 110 11.10 -28.39 -9.92
CA LYS A 110 12.08 -28.86 -8.96
C LYS A 110 11.61 -28.52 -7.53
N LYS A 111 11.79 -29.42 -6.59
CA LYS A 111 11.32 -29.22 -5.21
C LYS A 111 12.51 -28.72 -4.38
N VAL A 112 12.52 -27.46 -3.96
CA VAL A 112 13.72 -26.94 -3.25
C VAL A 112 13.30 -26.37 -1.90
N GLU A 113 14.11 -26.67 -0.90
CA GLU A 113 13.87 -26.25 0.49
C GLU A 113 14.34 -24.80 0.62
N PHE A 114 13.54 -23.96 1.28
CA PHE A 114 13.91 -22.58 1.62
C PHE A 114 15.01 -22.60 2.68
N SER A 115 15.94 -21.66 2.53
CA SER A 115 17.08 -21.60 3.44
C SER A 115 17.60 -20.18 3.44
N ALA A 116 18.62 -19.94 4.27
CA ALA A 116 19.25 -18.63 4.35
C ALA A 116 19.66 -17.99 3.07
N LYS A 117 20.12 -18.76 2.09
CA LYS A 117 20.52 -18.16 0.83
C LYS A 117 19.38 -17.41 0.05
N ASP A 118 18.14 -17.81 0.31
CA ASP A 118 16.96 -17.19 -0.29
C ASP A 118 16.68 -15.83 0.36
N VAL A 119 17.00 -15.71 1.65
CA VAL A 119 16.81 -14.43 2.35
C VAL A 119 17.88 -13.47 1.83
N LEU A 120 19.12 -13.95 1.77
CA LEU A 120 20.22 -13.18 1.20
C LEU A 120 19.94 -12.71 -0.22
N PHE A 121 19.44 -13.61 -1.06
CA PHE A 121 19.11 -13.23 -2.44
C PHE A 121 18.09 -12.06 -2.42
N SER A 122 16.99 -12.29 -1.69
CA SER A 122 15.81 -11.40 -1.68
C SER A 122 16.08 -9.97 -1.24
N PHE A 123 16.96 -9.85 -0.22
CA PHE A 123 17.39 -8.59 0.34
C PHE A 123 18.61 -8.03 -0.41
N GLU A 124 19.66 -8.82 -0.56
CA GLU A 124 20.91 -8.27 -1.15
C GLU A 124 20.73 -7.75 -2.59
N ARG A 125 19.76 -8.28 -3.34
CA ARG A 125 19.46 -7.77 -4.68
C ARG A 125 19.04 -6.30 -4.61
N GLN A 126 18.42 -5.87 -3.50
CA GLN A 126 17.91 -4.52 -3.43
C GLN A 126 19.02 -3.63 -2.86
N MET A 127 19.83 -4.20 -1.96
CA MET A 127 20.83 -3.48 -1.19
C MET A 127 22.07 -3.14 -2.02
N ASP A 128 22.47 -4.07 -2.86
CA ASP A 128 23.74 -3.99 -3.58
C ASP A 128 23.43 -3.94 -5.09
N LYS A 129 23.75 -2.83 -5.72
CA LYS A 129 23.41 -2.65 -7.14
C LYS A 129 24.04 -3.66 -8.07
N ALA A 130 25.17 -4.25 -7.67
CA ALA A 130 25.72 -5.33 -8.47
C ALA A 130 24.90 -6.60 -8.50
N LYS A 131 24.06 -6.75 -7.48
CA LYS A 131 23.24 -7.93 -7.35
C LYS A 131 21.79 -7.67 -7.73
N ARG A 132 21.52 -6.55 -8.41
CA ARG A 132 20.17 -6.14 -8.83
C ARG A 132 19.33 -7.23 -9.51
N TYR A 133 20.05 -8.18 -10.15
CA TYR A 133 19.50 -9.34 -10.85
C TYR A 133 18.85 -9.00 -12.19
N TYR A 134 17.89 -8.09 -12.15
CA TYR A 134 17.24 -7.65 -13.38
C TYR A 134 18.20 -6.74 -14.21
N SER A 135 18.04 -6.82 -15.52
CA SER A 135 18.77 -5.93 -16.42
C SER A 135 18.46 -4.48 -16.11
N PRO A 136 19.45 -3.62 -16.39
CA PRO A 136 19.12 -2.21 -16.39
C PRO A 136 17.86 -1.91 -17.24
N GLY A 137 17.01 -1.06 -16.69
CA GLY A 137 15.75 -0.75 -17.35
C GLY A 137 14.89 -0.10 -16.29
N ALA A 138 13.60 -0.06 -16.56
CA ALA A 138 12.67 0.73 -15.74
C ALA A 138 12.37 0.07 -14.38
N LYS A 139 12.70 -1.21 -14.20
CA LYS A 139 12.48 -1.87 -12.90
C LYS A 139 13.25 -1.16 -11.77
N SER A 140 12.58 -0.97 -10.65
CA SER A 140 13.18 -0.25 -9.56
C SER A 140 12.66 -0.83 -8.25
N TYR A 141 13.55 -1.02 -7.27
CA TYR A 141 13.17 -1.45 -5.91
C TYR A 141 12.69 -0.24 -5.12
N LYS A 142 11.43 0.15 -5.36
CA LYS A 142 10.94 1.45 -4.96
C LYS A 142 10.80 1.63 -3.49
N TYR A 143 10.25 0.63 -2.83
CA TYR A 143 10.06 0.74 -1.39
C TYR A 143 11.45 0.78 -0.72
N TRP A 144 12.35 -0.08 -1.16
CA TRP A 144 13.70 -0.19 -0.57
C TRP A 144 14.43 1.18 -0.67
N GLU A 145 14.40 1.77 -1.86
CA GLU A 145 15.01 3.10 -2.08
C GLU A 145 14.35 4.22 -1.31
N GLY A 146 13.03 4.24 -1.41
CA GLY A 146 12.24 5.24 -0.69
C GLY A 146 12.39 5.33 0.81
N MET A 147 12.45 4.14 1.37
CA MET A 147 12.67 3.95 2.83
C MET A 147 14.09 4.17 3.31
N GLY A 148 15.05 4.23 2.40
CA GLY A 148 16.47 4.29 2.77
C GLY A 148 16.96 3.04 3.47
N MET A 149 16.48 1.85 3.08
CA MET A 149 16.89 0.62 3.71
C MET A 149 18.40 0.34 3.64
N SER A 150 19.05 0.79 2.57
CA SER A 150 20.52 0.67 2.49
C SER A 150 21.29 1.53 3.52
N HIS A 151 20.70 2.62 3.98
CA HIS A 151 21.17 3.44 5.08
C HIS A 151 20.92 2.78 6.45
N ILE A 152 19.82 2.03 6.55
CA ILE A 152 19.43 1.35 7.79
C ILE A 152 20.29 0.12 8.08
N ILE A 153 20.49 -0.73 7.09
CA ILE A 153 21.19 -1.99 7.26
C ILE A 153 22.69 -1.81 7.00
N LYS A 154 23.52 -2.18 7.99
CA LYS A 154 24.98 -2.21 7.81
C LYS A 154 25.44 -3.53 7.17
N SER A 155 24.89 -4.64 7.63
CA SER A 155 25.19 -5.97 7.11
C SER A 155 24.05 -6.99 7.26
N ILE A 156 24.08 -7.97 6.36
CA ILE A 156 23.20 -9.16 6.46
C ILE A 156 24.09 -10.37 6.30
N GLU A 157 24.03 -11.30 7.26
CA GLU A 157 24.86 -12.48 7.23
C GLU A 157 24.03 -13.76 7.34
N ALA A 158 24.39 -14.79 6.59
CA ALA A 158 23.87 -16.15 6.80
C ALA A 158 24.88 -16.80 7.75
N LEU A 159 24.53 -16.91 9.01
CA LEU A 159 25.43 -17.54 9.96
C LEU A 159 25.52 -19.04 9.75
N ASP A 160 24.42 -19.64 9.30
CA ASP A 160 24.38 -21.05 8.86
C ASP A 160 23.20 -21.12 7.86
N ASP A 161 22.84 -22.32 7.41
CA ASP A 161 21.78 -22.39 6.42
C ASP A 161 20.40 -22.01 6.96
N TYR A 162 20.22 -21.92 8.29
CA TYR A 162 18.94 -21.58 8.90
C TYR A 162 18.97 -20.37 9.85
N THR A 163 19.98 -19.53 9.70
CA THR A 163 20.20 -18.40 10.60
C THR A 163 20.63 -17.14 9.85
N ILE A 164 19.86 -16.06 9.94
CA ILE A 164 20.19 -14.77 9.34
C ILE A 164 20.40 -13.67 10.38
N ARG A 165 21.48 -12.90 10.30
CA ARG A 165 21.75 -11.83 11.24
C ARG A 165 21.81 -10.51 10.51
N PHE A 166 20.99 -9.53 10.93
CA PHE A 166 21.04 -8.15 10.45
C PHE A 166 21.79 -7.30 11.46
N THR A 167 22.74 -6.51 11.03
CA THR A 167 23.31 -5.48 11.88
C THR A 167 22.95 -4.13 11.29
N LEU A 168 22.41 -3.23 12.12
CA LEU A 168 21.96 -1.90 11.65
C LEU A 168 23.02 -0.82 11.94
N ASN A 169 22.94 0.29 11.24
CA ASN A 169 23.79 1.46 11.46
C ASN A 169 23.27 2.30 12.61
N GLY A 170 22.04 2.09 13.06
CA GLY A 170 21.54 2.74 14.24
C GLY A 170 20.22 2.07 14.61
N PRO A 171 19.70 2.36 15.80
CA PRO A 171 18.40 1.76 16.12
C PRO A 171 17.29 2.25 15.20
N GLU A 172 16.33 1.38 14.92
CA GLU A 172 15.29 1.59 13.93
C GLU A 172 14.02 0.94 14.46
N ALA A 173 13.20 1.72 15.17
CA ALA A 173 12.03 1.12 15.79
C ALA A 173 11.09 0.33 14.88
N PRO A 174 10.84 0.85 13.67
CA PRO A 174 9.97 0.12 12.74
C PRO A 174 10.55 -1.12 12.09
N PHE A 175 11.81 -1.49 12.37
CA PHE A 175 12.50 -2.50 11.55
C PHE A 175 11.85 -3.88 11.55
N LEU A 176 11.46 -4.34 12.73
CA LEU A 176 10.82 -5.67 12.82
C LEU A 176 9.52 -5.70 11.99
N ALA A 177 8.66 -4.69 12.14
CA ALA A 177 7.40 -4.63 11.38
C ALA A 177 7.67 -4.50 9.88
N ASN A 178 8.72 -3.77 9.52
CA ASN A 178 9.09 -3.61 8.11
C ASN A 178 9.35 -4.98 7.43
N LEU A 179 9.94 -5.90 8.20
CA LEU A 179 10.26 -7.24 7.68
C LEU A 179 9.02 -8.06 7.34
N GLY A 180 7.83 -7.63 7.77
CA GLY A 180 6.54 -8.18 7.36
C GLY A 180 5.99 -7.62 6.05
N MET A 181 6.61 -6.59 5.49
CA MET A 181 6.05 -5.86 4.35
C MET A 181 6.36 -6.63 3.06
N ASP A 182 5.46 -6.46 2.10
CA ASP A 182 5.47 -7.17 0.83
C ASP A 182 6.78 -7.08 0.04
N PHE A 183 7.43 -5.91 0.12
CA PHE A 183 8.68 -5.74 -0.63
C PHE A 183 9.84 -6.61 -0.18
N LEU A 184 9.69 -7.14 1.04
CA LEU A 184 10.67 -8.06 1.61
C LEU A 184 10.22 -9.50 1.61
N SER A 185 9.33 -9.83 0.68
CA SER A 185 8.97 -11.21 0.41
C SER A 185 10.20 -12.05 0.01
N ILE A 186 10.16 -13.33 0.33
CA ILE A 186 11.26 -14.26 0.10
C ILE A 186 11.00 -15.01 -1.20
N LEU A 187 11.83 -14.63 -2.18
CA LEU A 187 11.90 -15.26 -3.49
C LEU A 187 12.89 -16.43 -3.45
N SER A 188 12.86 -17.31 -4.45
CA SER A 188 13.77 -18.47 -4.54
C SER A 188 15.04 -18.17 -5.34
N LYS A 189 16.19 -18.18 -4.65
CA LYS A 189 17.51 -18.09 -5.29
C LYS A 189 17.72 -19.23 -6.33
N ASP A 190 17.33 -20.47 -6.04
CA ASP A 190 17.42 -21.58 -7.04
C ASP A 190 16.64 -21.29 -8.34
N TYR A 191 15.42 -20.77 -8.19
CA TYR A 191 14.59 -20.38 -9.36
C TYR A 191 15.21 -19.21 -10.12
N ALA A 192 15.63 -18.16 -9.41
CA ALA A 192 16.35 -17.07 -10.04
C ALA A 192 17.55 -17.53 -10.86
N ASP A 193 18.38 -18.35 -10.24
CA ASP A 193 19.58 -18.86 -10.92
C ASP A 193 19.16 -19.61 -12.18
N TYR A 194 18.17 -20.47 -12.10
CA TYR A 194 17.65 -21.21 -13.28
C TYR A 194 17.23 -20.29 -14.40
N LEU A 195 16.46 -19.28 -14.04
CA LEU A 195 16.06 -18.29 -15.06
C LEU A 195 17.24 -17.48 -15.63
N GLU A 196 18.23 -17.16 -14.79
CA GLU A 196 19.35 -16.40 -15.28
C GLU A 196 20.11 -17.20 -16.35
N GLN A 197 20.21 -18.50 -16.13
CA GLN A 197 20.96 -19.33 -17.08
C GLN A 197 20.23 -19.68 -18.37
N ASN A 198 18.92 -19.48 -18.34
CA ASN A 198 18.11 -19.53 -19.54
C ASN A 198 17.91 -18.21 -20.24
N ASN A 199 18.60 -17.17 -19.80
CA ASN A 199 18.29 -15.82 -20.19
C ASN A 199 16.78 -15.51 -20.13
N LYS A 200 16.12 -15.77 -19.00
CA LYS A 200 14.73 -15.42 -18.80
C LYS A 200 14.48 -14.72 -17.46
N LYS A 201 15.40 -13.85 -17.10
CA LYS A 201 15.35 -13.19 -15.79
C LYS A 201 14.06 -12.38 -15.55
N ASP A 202 13.47 -11.85 -16.62
CA ASP A 202 12.24 -11.08 -16.49
C ASP A 202 11.09 -11.93 -15.98
N GLU A 203 11.16 -13.23 -16.17
CA GLU A 203 10.11 -14.10 -15.73
C GLU A 203 10.00 -14.23 -14.22
N LEU A 204 11.05 -13.82 -13.52
CA LEU A 204 11.02 -13.85 -12.06
C LEU A 204 9.86 -13.02 -11.54
N ALA A 205 9.52 -11.99 -12.31
CA ALA A 205 8.44 -11.02 -12.04
C ALA A 205 7.11 -11.27 -12.78
N LYS A 206 7.04 -12.41 -13.46
CA LYS A 206 5.87 -12.84 -14.22
C LYS A 206 5.29 -14.19 -13.84
N LYS A 207 6.17 -15.15 -13.50
CA LYS A 207 5.85 -16.51 -13.20
C LYS A 207 6.50 -16.82 -11.86
N PRO A 208 5.76 -16.50 -10.77
CA PRO A 208 6.41 -16.43 -9.48
C PRO A 208 6.51 -17.75 -8.78
N VAL A 209 7.48 -17.82 -7.88
CA VAL A 209 7.66 -18.98 -7.02
C VAL A 209 7.81 -18.50 -5.58
N GLY A 210 6.91 -18.93 -4.69
CA GLY A 210 7.02 -18.59 -3.27
C GLY A 210 6.81 -19.77 -2.35
N THR A 211 6.57 -19.47 -1.09
CA THR A 211 6.29 -20.48 -0.10
C THR A 211 4.88 -20.38 0.49
N GLY A 212 4.08 -19.41 0.04
CA GLY A 212 2.80 -19.12 0.68
C GLY A 212 1.68 -20.14 0.47
N PRO A 213 0.49 -19.81 0.99
CA PRO A 213 -0.59 -20.79 1.05
C PRO A 213 -1.35 -21.00 -0.24
N PHE A 214 -1.10 -20.14 -1.22
CA PHE A 214 -1.54 -20.35 -2.60
C PHE A 214 -0.34 -20.28 -3.51
N LYS A 215 -0.46 -20.96 -4.64
CA LYS A 215 0.51 -20.84 -5.72
C LYS A 215 -0.09 -20.25 -7.01
N PHE A 216 0.75 -19.69 -7.87
CA PHE A 216 0.31 -19.13 -9.14
C PHE A 216 -0.09 -20.21 -10.15
N PHE A 217 -1.19 -19.97 -10.87
CA PHE A 217 -1.55 -20.79 -12.03
C PHE A 217 -1.51 -20.02 -13.32
N LEU A 218 -2.10 -18.82 -13.37
CA LEU A 218 -2.06 -18.01 -14.56
C LEU A 218 -2.34 -16.55 -14.29
N TRP A 219 -1.84 -15.71 -15.19
CA TRP A 219 -2.13 -14.26 -15.16
C TRP A 219 -2.45 -13.80 -16.58
N ASN A 220 -3.73 -13.57 -16.87
CA ASN A 220 -4.15 -12.84 -18.08
C ASN A 220 -4.31 -11.36 -17.78
N LYS A 221 -3.41 -10.56 -18.36
CA LYS A 221 -3.32 -9.14 -18.07
C LYS A 221 -4.67 -8.45 -18.20
N ASP A 222 -5.01 -7.58 -17.24
CA ASP A 222 -6.31 -6.87 -17.23
C ASP A 222 -7.59 -7.68 -17.23
N GLU A 223 -7.48 -8.99 -16.97
CA GLU A 223 -8.62 -9.91 -16.94
C GLU A 223 -8.75 -10.75 -15.64
N LYS A 224 -7.84 -11.70 -15.48
CA LYS A 224 -7.86 -12.56 -14.28
C LYS A 224 -6.49 -13.16 -13.93
N ILE A 225 -6.34 -13.41 -12.63
CA ILE A 225 -5.26 -14.23 -12.10
C ILE A 225 -5.89 -15.40 -11.40
N ILE A 226 -5.32 -16.57 -11.64
CA ILE A 226 -5.77 -17.79 -10.96
C ILE A 226 -4.72 -18.27 -9.98
N LEU A 227 -5.13 -18.45 -8.73
CA LEU A 227 -4.34 -19.00 -7.64
C LEU A 227 -4.91 -20.37 -7.26
N LEU A 228 -4.01 -21.31 -6.97
CA LEU A 228 -4.41 -22.64 -6.48
C LEU A 228 -3.89 -22.86 -5.07
N LYS A 229 -4.63 -23.58 -4.23
CA LYS A 229 -4.14 -23.97 -2.92
C LYS A 229 -2.77 -24.69 -3.00
N ASN A 230 -1.87 -24.30 -2.12
CA ASN A 230 -0.56 -24.93 -1.93
C ASN A 230 -0.76 -26.03 -0.87
N GLN A 231 -0.84 -27.28 -1.30
CA GLN A 231 -1.13 -28.40 -0.39
C GLN A 231 0.02 -28.60 0.58
N ASP A 232 1.20 -28.12 0.24
CA ASP A 232 2.40 -28.32 1.08
C ASP A 232 2.76 -27.10 1.95
N TYR A 233 1.86 -26.10 2.04
CA TYR A 233 2.13 -24.89 2.85
C TYR A 233 2.52 -25.29 4.28
N TRP A 234 3.49 -24.55 4.82
CA TRP A 234 4.09 -24.79 6.15
C TRP A 234 3.12 -24.50 7.27
N GLY A 235 2.19 -23.57 7.10
CA GLY A 235 1.26 -23.13 8.11
C GLY A 235 -0.08 -23.86 8.02
N PRO A 236 -1.08 -23.33 8.72
CA PRO A 236 -2.37 -23.99 8.60
C PRO A 236 -2.91 -23.90 7.18
N LYS A 237 -3.42 -25.03 6.67
CA LYS A 237 -3.80 -25.11 5.25
C LYS A 237 -4.94 -24.17 4.90
N ALA A 238 -4.85 -23.56 3.72
CA ALA A 238 -5.94 -22.72 3.19
C ALA A 238 -7.21 -23.58 3.11
N TYR A 239 -8.38 -22.95 3.33
CA TYR A 239 -9.65 -23.65 3.13
C TYR A 239 -10.05 -23.84 1.67
N LEU A 240 -9.81 -22.77 0.91
CA LEU A 240 -10.23 -22.73 -0.47
C LEU A 240 -9.30 -23.52 -1.39
N ASP A 241 -9.88 -24.19 -2.37
CA ASP A 241 -9.11 -24.86 -3.41
C ASP A 241 -8.50 -23.89 -4.42
N LYS A 242 -9.19 -22.82 -4.75
CA LYS A 242 -8.85 -21.92 -5.83
C LYS A 242 -9.39 -20.53 -5.59
N VAL A 243 -8.64 -19.53 -6.01
CA VAL A 243 -9.12 -18.16 -6.00
C VAL A 243 -8.92 -17.59 -7.39
N VAL A 244 -9.99 -16.99 -7.92
CA VAL A 244 -9.93 -16.31 -9.19
C VAL A 244 -9.98 -14.83 -8.90
N VAL A 245 -8.95 -14.06 -9.22
CA VAL A 245 -8.93 -12.63 -8.96
C VAL A 245 -9.21 -11.97 -10.29
N ARG A 246 -10.41 -11.42 -10.42
CA ARG A 246 -10.85 -10.77 -11.65
C ARG A 246 -10.65 -9.26 -11.59
N THR A 247 -10.29 -8.69 -12.75
CA THR A 247 -10.33 -7.26 -12.97
C THR A 247 -11.62 -6.82 -13.71
N ILE A 248 -12.52 -6.05 -13.09
CA ILE A 248 -13.75 -5.54 -13.69
C ILE A 248 -13.72 -4.06 -13.41
N PRO A 249 -13.26 -3.23 -14.37
CA PRO A 249 -12.95 -1.83 -14.03
C PRO A 249 -14.07 -0.90 -13.64
N ASN A 250 -15.27 -1.16 -14.15
CA ASN A 250 -16.43 -0.34 -13.84
C ASN A 250 -17.05 -0.84 -12.55
N SER A 251 -17.10 0.00 -11.52
N SER A 251 -17.11 0.01 -11.53
CA SER A 251 -17.52 -0.46 -10.20
CA SER A 251 -17.53 -0.44 -10.21
C SER A 251 -19.02 -0.82 -10.18
C SER A 251 -19.02 -0.83 -10.20
N SER A 252 -19.83 -0.20 -11.03
CA SER A 252 -21.25 -0.61 -11.17
C SER A 252 -21.39 -2.00 -11.77
N THR A 253 -20.61 -2.31 -12.80
CA THR A 253 -20.60 -3.62 -13.42
C THR A 253 -20.14 -4.66 -12.40
N ARG A 254 -19.15 -4.27 -11.60
CA ARG A 254 -18.61 -5.17 -10.55
C ARG A 254 -19.69 -5.51 -9.54
N ALA A 255 -20.47 -4.52 -9.10
CA ALA A 255 -21.56 -4.78 -8.17
C ALA A 255 -22.69 -5.62 -8.77
N LEU A 256 -22.97 -5.39 -10.06
CA LEU A 256 -23.98 -6.23 -10.71
C LEU A 256 -23.51 -7.66 -10.79
N ALA A 257 -22.22 -7.86 -11.03
CA ALA A 257 -21.64 -9.22 -10.97
C ALA A 257 -21.75 -9.90 -9.59
N LEU A 258 -21.69 -9.11 -8.52
CA LEU A 258 -21.99 -9.66 -7.23
C LEU A 258 -23.46 -10.01 -7.12
N ARG A 259 -24.34 -9.12 -7.57
CA ARG A 259 -25.81 -9.32 -7.55
C ARG A 259 -26.25 -10.56 -8.30
N THR A 260 -25.56 -10.90 -9.40
CA THR A 260 -25.89 -12.11 -10.12
C THR A 260 -25.15 -13.31 -9.58
N GLY A 261 -24.23 -13.15 -8.64
CA GLY A 261 -23.42 -14.32 -8.24
C GLY A 261 -22.24 -14.69 -9.09
N GLU A 262 -22.01 -13.93 -10.15
CA GLU A 262 -20.85 -14.18 -11.00
C GLU A 262 -19.51 -13.95 -10.27
N ILE A 263 -19.47 -12.93 -9.39
CA ILE A 263 -18.35 -12.74 -8.45
C ILE A 263 -18.91 -12.82 -7.02
N MET A 264 -18.04 -13.02 -6.03
CA MET A 264 -18.47 -13.37 -4.69
C MET A 264 -18.00 -12.38 -3.62
N LEU A 265 -17.00 -11.57 -3.94
CA LEU A 265 -16.41 -10.63 -2.99
C LEU A 265 -15.73 -9.57 -3.81
N MET A 266 -15.87 -8.30 -3.43
CA MET A 266 -15.27 -7.24 -4.24
C MET A 266 -14.77 -6.08 -3.42
N THR A 267 -13.70 -5.44 -3.91
CA THR A 267 -13.30 -4.13 -3.38
C THR A 267 -13.78 -2.98 -4.29
N GLY A 268 -13.75 -1.78 -3.74
CA GLY A 268 -13.98 -0.56 -4.49
C GLY A 268 -15.42 -0.31 -4.96
N PRO A 269 -16.42 -0.55 -4.09
CA PRO A 269 -17.79 -0.30 -4.56
C PRO A 269 -18.06 1.21 -4.82
N ASN A 270 -18.96 1.52 -5.74
CA ASN A 270 -19.52 2.86 -5.84
C ASN A 270 -20.28 3.15 -4.54
N LEU A 271 -19.87 4.17 -3.79
CA LEU A 271 -20.47 4.38 -2.50
C LEU A 271 -21.96 4.77 -2.54
N ASN A 272 -22.42 5.35 -3.65
CA ASN A 272 -23.86 5.53 -3.80
C ASN A 272 -24.66 4.28 -4.14
N GLU A 273 -24.02 3.12 -4.28
CA GLU A 273 -24.74 1.83 -4.40
C GLU A 273 -24.78 0.95 -3.16
N VAL A 274 -24.01 1.32 -2.16
CA VAL A 274 -23.88 0.50 -0.96
C VAL A 274 -25.22 0.28 -0.29
N GLU A 275 -26.00 1.34 -0.14
CA GLU A 275 -27.26 1.17 0.54
C GLU A 275 -28.20 0.17 -0.17
N GLN A 276 -28.25 0.18 -1.49
CA GLN A 276 -29.10 -0.75 -2.22
C GLN A 276 -28.53 -2.17 -2.18
N LEU A 277 -27.22 -2.29 -2.26
CA LEU A 277 -26.58 -3.61 -2.11
C LEU A 277 -26.91 -4.24 -0.79
N GLU A 278 -26.80 -3.49 0.29
CA GLU A 278 -27.02 -4.26 1.49
C GLU A 278 -28.45 -4.71 1.74
N LYS A 279 -29.39 -4.19 0.97
CA LYS A 279 -30.78 -4.60 1.10
C LYS A 279 -31.10 -5.92 0.41
N LEU A 280 -30.21 -6.37 -0.47
CA LEU A 280 -30.45 -7.50 -1.32
C LEU A 280 -30.22 -8.76 -0.53
N PRO A 281 -31.00 -9.79 -0.90
CA PRO A 281 -30.81 -11.04 -0.19
C PRO A 281 -29.42 -11.60 -0.56
N ASN A 282 -28.81 -12.16 0.47
CA ASN A 282 -27.57 -12.90 0.31
C ASN A 282 -26.35 -12.01 0.12
N ILE A 283 -26.48 -10.69 0.31
CA ILE A 283 -25.34 -9.77 0.26
C ILE A 283 -25.11 -9.21 1.65
N VAL A 284 -23.86 -9.12 2.05
CA VAL A 284 -23.42 -8.47 3.28
C VAL A 284 -22.42 -7.38 2.83
N VAL A 285 -22.42 -6.22 3.50
CA VAL A 285 -21.40 -5.23 3.23
C VAL A 285 -20.63 -5.02 4.52
N ASP A 286 -19.40 -5.49 4.57
CA ASP A 286 -18.55 -5.27 5.72
C ASP A 286 -18.07 -3.80 5.74
N LYS A 287 -17.98 -3.21 6.93
CA LYS A 287 -17.54 -1.82 7.02
C LYS A 287 -16.67 -1.68 8.25
N SER A 288 -15.53 -1.01 8.13
CA SER A 288 -14.79 -0.61 9.33
C SER A 288 -14.10 0.74 9.10
N ALA A 289 -13.53 1.31 10.16
CA ALA A 289 -12.95 2.68 10.02
C ALA A 289 -11.81 2.83 9.02
N GLY A 290 -10.99 1.79 8.96
CA GLY A 290 -9.95 1.85 7.94
C GLY A 290 -8.58 2.29 8.45
N LEU A 291 -7.55 1.93 7.68
CA LEU A 291 -6.20 2.41 7.88
C LEU A 291 -5.75 3.15 6.61
N LEU A 292 -6.70 3.88 6.02
CA LEU A 292 -6.58 4.47 4.69
C LEU A 292 -6.55 6.01 4.81
N ALA A 293 -5.81 6.69 3.94
CA ALA A 293 -5.85 8.13 3.80
C ALA A 293 -5.88 8.44 2.29
N SER A 294 -6.56 9.53 1.95
CA SER A 294 -6.80 9.96 0.58
C SER A 294 -6.63 11.51 0.54
N TRP A 295 -5.84 12.03 -0.38
CA TRP A 295 -5.45 13.46 -0.38
C TRP A 295 -5.10 13.91 -1.79
N LEU A 296 -4.87 15.22 -1.93
CA LEU A 296 -4.37 15.75 -3.18
CA LEU A 296 -4.38 15.81 -3.16
C LEU A 296 -2.89 16.15 -3.02
N SER A 297 -2.04 15.50 -3.82
CA SER A 297 -0.63 15.89 -3.92
C SER A 297 -0.52 17.26 -4.56
N LEU A 298 0.37 18.11 -4.06
CA LEU A 298 0.75 19.38 -4.70
C LEU A 298 2.25 19.26 -4.91
N ASN A 299 2.68 19.45 -6.15
CA ASN A 299 4.10 19.24 -6.49
C ASN A 299 4.86 20.50 -6.06
N THR A 300 5.41 20.47 -4.85
CA THR A 300 6.01 21.66 -4.23
C THR A 300 7.31 22.16 -4.89
N GLN A 301 7.85 21.41 -5.84
CA GLN A 301 9.01 21.87 -6.59
C GLN A 301 8.61 22.64 -7.80
N LYS A 302 7.33 22.76 -8.15
CA LYS A 302 6.89 23.47 -9.38
C LYS A 302 6.33 24.83 -9.07
N LYS A 303 6.21 25.62 -10.15
CA LYS A 303 5.67 26.96 -10.11
C LYS A 303 4.31 26.93 -9.44
N TYR A 304 4.02 27.99 -8.69
CA TYR A 304 2.81 28.22 -7.90
C TYR A 304 2.81 27.36 -6.63
N PHE A 305 2.97 26.05 -6.79
CA PHE A 305 2.87 25.12 -5.65
C PHE A 305 4.11 25.15 -4.76
N ASN A 306 5.20 25.73 -5.25
CA ASN A 306 6.30 26.12 -4.37
C ASN A 306 6.13 27.33 -3.50
N ASN A 307 4.98 27.99 -3.52
CA ASN A 307 4.68 29.15 -2.67
C ASN A 307 3.65 28.70 -1.63
N PRO A 308 4.05 28.67 -0.36
CA PRO A 308 3.13 28.32 0.70
C PRO A 308 1.81 29.07 0.66
N LEU A 309 1.78 30.36 0.30
CA LEU A 309 0.52 31.08 0.32
C LEU A 309 -0.46 30.57 -0.72
N VAL A 310 0.03 30.11 -1.86
CA VAL A 310 -0.82 29.51 -2.88
C VAL A 310 -1.35 28.18 -2.31
N ARG A 311 -0.51 27.41 -1.62
CA ARG A 311 -0.99 26.11 -1.13
C ARG A 311 -2.08 26.32 -0.09
N LEU A 312 -1.85 27.28 0.80
CA LEU A 312 -2.82 27.63 1.81
C LEU A 312 -4.12 28.11 1.14
N ALA A 313 -4.01 28.94 0.11
CA ALA A 313 -5.26 29.34 -0.58
C ALA A 313 -6.07 28.13 -1.11
N ILE A 314 -5.40 27.21 -1.78
CA ILE A 314 -6.01 25.96 -2.29
C ILE A 314 -6.66 25.17 -1.15
N ASN A 315 -5.95 24.97 -0.04
CA ASN A 315 -6.53 24.40 1.17
C ASN A 315 -7.80 25.04 1.67
N HIS A 316 -7.84 26.38 1.66
CA HIS A 316 -9.01 27.07 2.17
C HIS A 316 -10.16 27.12 1.16
N ALA A 317 -9.87 26.79 -0.10
CA ALA A 317 -10.89 26.88 -1.15
C ALA A 317 -11.71 25.60 -1.38
N ILE A 318 -11.30 24.48 -0.81
CA ILE A 318 -11.96 23.19 -1.03
C ILE A 318 -12.74 22.81 0.21
N ASN A 319 -14.05 22.68 0.05
CA ASN A 319 -14.91 22.32 1.18
C ASN A 319 -14.92 20.82 1.42
N VAL A 320 -14.14 20.32 2.37
CA VAL A 320 -13.94 18.89 2.52
C VAL A 320 -15.19 18.26 3.09
N ASP A 321 -15.91 18.97 3.97
CA ASP A 321 -17.18 18.39 4.43
C ASP A 321 -18.15 18.09 3.27
N ASP A 322 -18.20 18.99 2.30
CA ASP A 322 -19.03 18.77 1.13
C ASP A 322 -18.46 17.67 0.20
N TYR A 323 -17.14 17.62 0.10
CA TYR A 323 -16.46 16.60 -0.66
C TYR A 323 -16.81 15.20 -0.14
N ILE A 324 -16.76 15.00 1.16
CA ILE A 324 -17.08 13.70 1.72
C ILE A 324 -18.53 13.29 1.49
N LYS A 325 -19.44 14.24 1.59
CA LYS A 325 -20.84 14.01 1.20
C LYS A 325 -21.03 13.56 -0.25
N VAL A 326 -20.43 14.29 -1.18
CA VAL A 326 -20.62 14.05 -2.60
C VAL A 326 -19.83 12.88 -3.16
N ILE A 327 -18.58 12.75 -2.75
CA ILE A 327 -17.72 11.75 -3.29
C ILE A 327 -17.87 10.47 -2.49
N TYR A 328 -17.95 10.55 -1.16
CA TYR A 328 -17.96 9.33 -0.37
C TYR A 328 -19.31 8.94 0.20
N GLU A 329 -20.33 9.78 0.01
CA GLU A 329 -21.69 9.51 0.49
C GLU A 329 -21.65 9.33 2.00
N GLY A 330 -20.76 10.09 2.65
CA GLY A 330 -20.54 9.97 4.07
C GLY A 330 -19.71 8.82 4.60
N PHE A 331 -19.20 7.92 3.75
CA PHE A 331 -18.48 6.72 4.19
C PHE A 331 -16.97 7.04 4.38
N ALA A 332 -16.70 8.09 5.14
CA ALA A 332 -15.32 8.60 5.31
C ALA A 332 -15.34 9.60 6.44
N GLN A 333 -14.20 9.87 7.03
CA GLN A 333 -13.97 10.98 7.96
C GLN A 333 -13.04 12.03 7.34
N LYS A 334 -13.25 13.30 7.66
CA LYS A 334 -12.42 14.38 7.16
C LYS A 334 -10.99 14.15 7.60
N MET A 335 -10.06 14.26 6.66
CA MET A 335 -8.64 14.15 6.98
C MET A 335 -8.05 15.45 7.52
N VAL A 336 -7.22 15.31 8.54
CA VAL A 336 -6.51 16.41 9.18
C VAL A 336 -5.01 16.14 9.10
N ASN A 337 -4.53 15.01 9.59
CA ASN A 337 -3.10 14.63 9.61
C ASN A 337 -2.80 13.64 8.48
N PRO A 338 -1.52 13.37 8.19
CA PRO A 338 -1.25 12.50 7.03
C PRO A 338 -1.67 11.05 7.20
N PHE A 339 -1.98 10.61 8.41
CA PHE A 339 -2.36 9.22 8.68
C PHE A 339 -3.61 9.19 9.53
N PRO A 340 -4.37 8.07 9.45
CA PRO A 340 -5.65 8.02 10.15
C PRO A 340 -5.59 7.81 11.65
N PRO A 341 -6.68 8.20 12.36
CA PRO A 341 -6.68 8.13 13.82
C PRO A 341 -6.83 6.73 14.40
N THR A 342 -6.96 5.75 13.52
CA THR A 342 -6.77 4.36 13.95
C THR A 342 -5.34 3.95 14.30
N ILE A 343 -4.37 4.81 14.03
CA ILE A 343 -2.97 4.60 14.37
C ILE A 343 -2.62 5.51 15.50
N TRP A 344 -1.81 4.96 16.40
CA TRP A 344 -1.33 5.71 17.51
C TRP A 344 -0.46 6.89 17.05
N GLY A 345 -0.39 7.89 17.92
CA GLY A 345 0.37 9.09 17.62
C GLY A 345 -0.26 10.24 16.84
N TYR A 346 -1.49 10.03 16.40
CA TYR A 346 -2.29 11.02 15.68
C TYR A 346 -2.47 12.27 16.51
N ASN A 347 -2.28 13.42 15.89
CA ASN A 347 -2.34 14.69 16.62
C ASN A 347 -3.77 15.18 16.63
N TYR A 348 -4.45 14.94 17.75
CA TYR A 348 -5.86 15.36 17.93
C TYR A 348 -5.97 16.84 18.24
N ASN A 349 -4.86 17.56 18.39
CA ASN A 349 -4.92 18.99 18.69
C ASN A 349 -4.94 19.91 17.49
N ILE A 350 -4.55 19.40 16.33
CA ILE A 350 -4.48 20.19 15.11
C ILE A 350 -5.88 20.43 14.56
N LYS A 351 -6.13 21.66 14.17
CA LYS A 351 -7.42 22.01 13.57
C LYS A 351 -7.26 22.04 12.06
N PRO A 352 -8.23 21.42 11.38
CA PRO A 352 -8.20 21.46 9.92
C PRO A 352 -8.36 22.89 9.40
N TYR A 353 -7.76 23.13 8.25
CA TYR A 353 -7.89 24.44 7.63
C TYR A 353 -9.36 24.60 7.25
N GLU A 354 -9.88 25.76 7.61
CA GLU A 354 -11.28 26.08 7.45
C GLU A 354 -11.57 26.42 5.99
N TYR A 355 -12.75 26.01 5.56
CA TYR A 355 -13.24 26.40 4.24
C TYR A 355 -13.62 27.88 4.30
N ASP A 356 -12.98 28.68 3.47
CA ASP A 356 -13.15 30.14 3.56
C ASP A 356 -12.65 30.74 2.26
N LEU A 357 -13.62 31.00 1.37
CA LEU A 357 -13.31 31.51 0.04
C LEU A 357 -12.69 32.88 0.06
N LYS A 358 -13.23 33.76 0.89
CA LYS A 358 -12.69 35.12 0.99
C LYS A 358 -11.19 35.11 1.38
N LYS A 359 -10.84 34.34 2.40
CA LYS A 359 -9.43 34.17 2.79
C LYS A 359 -8.56 33.58 1.69
N ALA A 360 -9.10 32.60 0.96
CA ALA A 360 -8.34 31.99 -0.13
C ALA A 360 -8.00 32.98 -1.23
N LYS A 361 -8.95 33.85 -1.59
CA LYS A 361 -8.77 34.86 -2.59
C LYS A 361 -7.67 35.84 -2.14
N GLU A 362 -7.76 36.24 -0.88
CA GLU A 362 -6.82 37.21 -0.28
C GLU A 362 -5.40 36.63 -0.29
N LEU A 363 -5.29 35.35 0.08
CA LEU A 363 -4.01 34.68 0.02
C LEU A 363 -3.41 34.66 -1.36
N LEU A 364 -4.19 34.33 -2.36
CA LEU A 364 -3.66 34.43 -3.71
C LEU A 364 -3.26 35.85 -4.13
N LYS A 365 -4.03 36.86 -3.74
CA LYS A 365 -3.67 38.23 -4.03
C LYS A 365 -2.32 38.59 -3.36
N GLN A 366 -2.19 38.21 -2.09
CA GLN A 366 -0.93 38.42 -1.36
C GLN A 366 0.28 37.76 -2.02
N ALA A 367 0.09 36.57 -2.58
CA ALA A 367 1.13 35.85 -3.29
C ALA A 367 1.48 36.41 -4.66
N GLY A 368 0.73 37.40 -5.16
CA GLY A 368 0.98 37.97 -6.49
C GLY A 368 0.15 37.36 -7.61
N TYR A 369 -0.97 36.70 -7.30
CA TYR A 369 -1.76 36.05 -8.36
C TYR A 369 -3.19 36.48 -8.24
N PRO A 370 -3.43 37.78 -8.39
CA PRO A 370 -4.79 38.23 -8.15
C PRO A 370 -5.72 37.74 -9.27
N ASN A 371 -5.23 37.34 -10.43
CA ASN A 371 -6.19 36.74 -11.39
C ASN A 371 -5.99 35.23 -11.53
N GLY A 372 -5.50 34.58 -10.49
CA GLY A 372 -5.21 33.15 -10.55
C GLY A 372 -4.18 32.69 -11.53
N PHE A 373 -4.31 31.44 -12.00
CA PHE A 373 -3.38 30.83 -12.92
C PHE A 373 -3.98 29.52 -13.42
N LYS A 374 -3.31 28.91 -14.38
CA LYS A 374 -3.77 27.66 -14.95
C LYS A 374 -2.92 26.53 -14.43
N THR A 375 -3.55 25.36 -14.22
CA THR A 375 -2.81 24.17 -13.76
C THR A 375 -3.55 22.91 -14.21
N THR A 376 -3.03 21.74 -13.86
CA THR A 376 -3.59 20.47 -14.22
C THR A 376 -3.73 19.55 -13.01
N ILE A 377 -4.77 18.70 -13.02
CA ILE A 377 -4.94 17.64 -12.02
C ILE A 377 -4.90 16.31 -12.75
N PHE A 378 -4.15 15.36 -12.21
CA PHE A 378 -4.23 13.98 -12.71
C PHE A 378 -5.23 13.17 -11.88
N THR A 379 -5.99 12.31 -12.54
CA THR A 379 -6.88 11.37 -11.85
C THR A 379 -6.81 10.04 -12.59
N THR A 380 -7.36 8.98 -12.01
CA THR A 380 -7.37 7.63 -12.59
C THR A 380 -8.73 7.32 -13.18
N SER A 381 -8.73 6.43 -14.17
CA SER A 381 -9.98 6.06 -14.86
C SER A 381 -10.93 5.31 -13.95
N THR A 382 -10.49 4.74 -12.84
CA THR A 382 -11.34 3.95 -11.97
C THR A 382 -11.94 4.78 -10.84
N ARG A 383 -11.31 5.89 -10.44
CA ARG A 383 -11.84 6.74 -9.36
C ARG A 383 -13.19 7.30 -9.81
N ASN A 384 -14.05 7.69 -8.86
CA ASN A 384 -15.26 8.42 -9.25
C ASN A 384 -14.88 9.71 -9.95
N PRO A 385 -15.37 9.95 -11.19
CA PRO A 385 -14.99 11.11 -12.00
C PRO A 385 -15.43 12.43 -11.34
N LYS A 386 -16.39 12.36 -10.41
CA LYS A 386 -16.86 13.53 -9.68
C LYS A 386 -15.83 14.21 -8.81
N GLY A 387 -14.81 13.47 -8.40
CA GLY A 387 -13.71 13.99 -7.59
C GLY A 387 -12.93 15.09 -8.26
N ALA A 388 -12.36 14.77 -9.42
CA ALA A 388 -11.59 15.75 -10.17
C ALA A 388 -12.48 16.96 -10.51
N VAL A 389 -13.72 16.68 -10.89
CA VAL A 389 -14.67 17.74 -11.25
C VAL A 389 -14.95 18.67 -10.09
N PHE A 390 -15.08 18.09 -8.90
CA PHE A 390 -15.23 18.87 -7.66
C PHE A 390 -14.04 19.79 -7.42
N ILE A 391 -12.83 19.24 -7.52
CA ILE A 391 -11.66 20.09 -7.28
C ILE A 391 -11.55 21.25 -8.29
N GLN A 392 -11.82 20.91 -9.55
CA GLN A 392 -11.85 21.87 -10.66
C GLN A 392 -12.83 23.00 -10.32
N ALA A 393 -14.01 22.63 -9.86
CA ALA A 393 -15.02 23.62 -9.55
C ALA A 393 -14.67 24.49 -8.34
N SER A 394 -14.12 23.83 -7.33
CA SER A 394 -13.75 24.53 -6.10
C SER A 394 -12.69 25.58 -6.44
N LEU A 395 -11.68 25.15 -7.19
CA LEU A 395 -10.57 26.08 -7.43
C LEU A 395 -10.92 27.16 -8.44
N ALA A 396 -11.88 26.89 -9.33
CA ALA A 396 -12.26 27.90 -10.30
C ALA A 396 -12.83 29.14 -9.55
N LYS A 397 -13.35 28.94 -8.35
CA LYS A 397 -13.93 30.03 -7.56
C LYS A 397 -12.87 31.05 -7.09
N ILE A 398 -11.60 30.67 -7.08
CA ILE A 398 -10.52 31.59 -6.81
C ILE A 398 -9.68 31.87 -8.03
N GLY A 399 -10.21 31.58 -9.21
CA GLY A 399 -9.50 31.93 -10.44
C GLY A 399 -8.46 30.95 -10.87
N ILE A 400 -8.43 29.74 -10.30
CA ILE A 400 -7.46 28.75 -10.76
C ILE A 400 -8.21 27.85 -11.75
N ASP A 401 -7.70 27.80 -12.98
CA ASP A 401 -8.31 27.03 -14.07
C ASP A 401 -7.61 25.66 -14.15
N VAL A 402 -8.31 24.61 -13.74
CA VAL A 402 -7.79 23.26 -13.62
C VAL A 402 -8.16 22.43 -14.85
N LYS A 403 -7.18 21.93 -15.59
CA LYS A 403 -7.44 20.94 -16.60
C LYS A 403 -7.33 19.55 -15.99
N ILE A 404 -8.25 18.66 -16.35
CA ILE A 404 -8.31 17.29 -15.83
C ILE A 404 -7.66 16.32 -16.82
N GLU A 405 -6.66 15.54 -16.42
CA GLU A 405 -6.10 14.50 -17.27
C GLU A 405 -6.31 13.16 -16.59
N VAL A 406 -6.77 12.18 -17.36
CA VAL A 406 -7.12 10.86 -16.82
C VAL A 406 -6.21 9.76 -17.31
N TYR A 407 -5.72 8.90 -16.41
CA TYR A 407 -4.82 7.81 -16.76
C TYR A 407 -5.32 6.51 -16.18
N GLU A 408 -5.01 5.42 -16.86
CA GLU A 408 -5.20 4.07 -16.31
C GLU A 408 -4.21 3.89 -15.14
N TRP A 409 -4.46 2.91 -14.27
CA TRP A 409 -3.71 2.84 -12.99
C TRP A 409 -2.20 2.67 -13.16
N GLY A 410 -1.79 1.74 -14.03
CA GLY A 410 -0.35 1.50 -14.19
C GLY A 410 0.38 2.74 -14.63
N ALA A 411 -0.16 3.38 -15.66
CA ALA A 411 0.40 4.63 -16.16
C ALA A 411 0.36 5.77 -15.14
N TYR A 412 -0.71 5.80 -14.34
CA TYR A 412 -0.81 6.86 -13.32
C TYR A 412 0.29 6.70 -12.30
N LEU A 413 0.55 5.47 -11.85
CA LEU A 413 1.62 5.24 -10.88
C LEU A 413 2.98 5.65 -11.46
N LYS A 414 3.16 5.31 -12.73
CA LYS A 414 4.44 5.62 -13.39
C LYS A 414 4.64 7.13 -13.50
N ARG A 415 3.66 7.83 -14.05
CA ARG A 415 3.82 9.27 -14.26
C ARG A 415 3.90 10.08 -12.98
N THR A 416 3.07 9.77 -11.99
CA THR A 416 3.19 10.48 -10.72
C THR A 416 4.51 10.14 -9.98
N GLY A 417 4.98 8.91 -10.14
CA GLY A 417 6.25 8.44 -9.61
C GLY A 417 7.45 9.27 -10.10
N LEU A 418 7.36 9.79 -11.32
CA LEU A 418 8.38 10.61 -11.96
C LEU A 418 8.13 12.10 -11.85
N GLY A 419 7.10 12.55 -11.12
CA GLY A 419 6.84 13.94 -10.88
C GLY A 419 6.23 14.74 -12.04
N GLU A 420 5.53 14.04 -12.92
CA GLU A 420 4.92 14.68 -14.08
C GLU A 420 3.75 15.57 -13.73
N HIS A 421 3.09 15.26 -12.61
CA HIS A 421 1.93 16.02 -12.21
C HIS A 421 2.27 17.39 -11.60
N GLU A 422 1.25 18.24 -11.56
CA GLU A 422 1.22 19.44 -10.76
C GLU A 422 0.36 19.16 -9.53
N MET A 423 -0.90 18.77 -9.73
CA MET A 423 -1.73 18.22 -8.67
C MET A 423 -2.15 16.80 -9.06
N ALA A 424 -2.33 15.88 -8.11
CA ALA A 424 -2.79 14.52 -8.43
C ALA A 424 -3.46 13.96 -7.17
N PHE A 425 -4.47 13.12 -7.36
CA PHE A 425 -5.00 12.37 -6.19
C PHE A 425 -3.98 11.33 -5.73
N ALA A 426 -3.93 11.14 -4.42
CA ALA A 426 -3.00 10.14 -3.88
C ALA A 426 -3.71 9.40 -2.79
N GLY A 427 -3.30 8.18 -2.47
CA GLY A 427 -3.93 7.42 -1.40
C GLY A 427 -2.97 6.36 -0.90
N TRP A 428 -3.09 6.02 0.38
CA TRP A 428 -2.29 5.00 1.03
C TRP A 428 -3.09 4.17 2.03
N MET A 429 -2.85 2.85 1.99
CA MET A 429 -3.28 1.92 3.00
C MET A 429 -2.03 1.57 3.82
N ALA A 430 -2.16 1.64 5.13
CA ALA A 430 -1.04 1.30 6.01
C ALA A 430 -0.57 -0.12 5.69
N ASP A 431 0.75 -0.27 5.65
CA ASP A 431 1.40 -1.60 5.60
C ASP A 431 1.59 -2.13 7.02
N ILE A 432 1.90 -1.23 7.94
CA ILE A 432 2.14 -1.49 9.37
C ILE A 432 1.41 -0.43 10.18
N ALA A 433 0.99 -0.71 11.41
CA ALA A 433 0.37 0.29 12.30
C ALA A 433 1.43 1.12 12.98
N ASP A 434 2.09 2.02 12.26
CA ASP A 434 3.16 2.87 12.82
C ASP A 434 3.20 4.14 11.98
N PRO A 435 3.31 5.32 12.62
CA PRO A 435 3.32 6.55 11.85
C PRO A 435 4.47 6.65 10.85
N ASP A 436 5.55 5.92 11.12
CA ASP A 436 6.73 5.92 10.22
C ASP A 436 6.31 5.55 8.78
N ASN A 437 5.40 4.57 8.64
CA ASN A 437 4.92 4.06 7.36
C ASN A 437 4.15 5.08 6.50
N PHE A 438 3.64 6.16 7.10
CA PHE A 438 3.07 7.30 6.36
C PHE A 438 4.06 8.46 6.33
N LEU A 439 4.45 8.94 7.50
CA LEU A 439 5.24 10.15 7.60
C LEU A 439 6.60 10.01 6.91
N TYR A 440 7.40 8.97 7.19
CA TYR A 440 8.69 8.85 6.57
C TYR A 440 8.63 8.31 5.17
N THR A 441 7.76 7.32 4.92
CA THR A 441 7.74 6.64 3.65
C THR A 441 7.19 7.58 2.57
N LEU A 442 6.27 8.48 2.94
CA LEU A 442 5.62 9.36 1.95
C LEU A 442 6.03 10.83 2.02
N TRP A 443 6.61 11.30 3.12
CA TRP A 443 6.72 12.78 3.34
C TRP A 443 8.15 13.27 3.68
N SER A 444 9.11 12.34 3.74
CA SER A 444 10.46 12.72 4.15
C SER A 444 11.34 13.11 2.99
N LYS A 445 12.44 13.79 3.28
CA LYS A 445 13.47 14.04 2.29
C LYS A 445 14.03 12.79 1.69
N GLN A 446 14.24 11.77 2.52
CA GLN A 446 14.71 10.49 2.02
C GLN A 446 13.76 10.03 0.94
N ALA A 447 12.48 10.06 1.25
CA ALA A 447 11.51 9.55 0.29
C ALA A 447 11.53 10.35 -1.01
N ALA A 448 11.60 11.67 -0.86
CA ALA A 448 11.67 12.56 -2.05
C ALA A 448 12.92 12.40 -2.91
N SER A 449 13.99 11.85 -2.33
CA SER A 449 15.28 11.65 -3.03
C SER A 449 15.25 10.49 -3.99
N ALA A 450 14.36 9.52 -3.79
CA ALA A 450 14.29 8.32 -4.59
C ALA A 450 13.48 8.64 -5.84
N ILE A 451 13.94 8.12 -6.98
CA ILE A 451 13.22 8.27 -8.24
C ILE A 451 13.09 6.90 -8.87
N PRO A 452 11.89 6.37 -9.12
CA PRO A 452 10.58 6.96 -8.83
C PRO A 452 10.30 7.15 -7.33
N THR A 453 9.42 8.10 -6.95
CA THR A 453 9.21 8.51 -5.57
C THR A 453 7.80 8.09 -5.15
N GLN A 454 7.67 7.91 -3.83
CA GLN A 454 6.37 7.88 -3.17
C GLN A 454 5.96 9.19 -2.47
N ASN A 455 6.85 10.18 -2.47
CA ASN A 455 6.59 11.50 -1.91
C ASN A 455 6.14 12.34 -3.12
N GLY A 456 4.83 12.25 -3.37
CA GLY A 456 4.29 12.82 -4.61
C GLY A 456 4.17 14.33 -4.53
N SER A 457 4.31 14.90 -3.32
CA SER A 457 4.38 16.37 -3.21
C SER A 457 5.83 16.92 -3.25
N PHE A 458 6.79 16.01 -3.35
CA PHE A 458 8.22 16.34 -3.23
C PHE A 458 8.45 17.26 -2.04
N TYR A 459 7.79 16.94 -0.92
CA TYR A 459 7.95 17.74 0.27
C TYR A 459 9.31 17.53 0.91
N LYS A 460 10.05 18.63 1.02
CA LYS A 460 11.39 18.58 1.54
C LYS A 460 11.59 19.56 2.68
N SER A 461 11.45 19.11 3.93
CA SER A 461 11.64 19.92 5.11
C SER A 461 12.63 19.17 6.01
N ASP A 462 13.74 19.85 6.28
CA ASP A 462 14.65 19.34 7.31
C ASP A 462 14.01 19.25 8.69
N ALA A 463 13.27 20.29 9.10
CA ALA A 463 12.77 20.29 10.45
C ALA A 463 11.85 19.08 10.63
N PHE A 464 11.03 18.82 9.61
CA PHE A 464 10.09 17.69 9.65
C PHE A 464 10.85 16.38 9.66
N SER A 465 11.74 16.23 8.70
CA SER A 465 12.42 14.96 8.48
C SER A 465 13.29 14.59 9.69
N ASP A 466 13.96 15.59 10.26
CA ASP A 466 14.80 15.37 11.43
C ASP A 466 14.02 14.83 12.61
N LEU A 467 12.81 15.30 12.83
CA LEU A 467 11.94 14.73 13.87
C LEU A 467 11.61 13.25 13.60
N LEU A 468 11.32 12.93 12.35
CA LEU A 468 11.02 11.55 11.98
C LEU A 468 12.23 10.60 12.17
N ILE A 469 13.44 11.11 11.91
CA ILE A 469 14.68 10.38 12.17
C ILE A 469 14.89 10.11 13.68
N LYS A 470 14.67 11.12 14.52
CA LYS A 470 14.73 10.95 15.96
C LYS A 470 13.72 9.91 16.45
N ALA A 471 12.57 9.95 15.82
CA ALA A 471 11.51 9.03 16.23
C ALA A 471 11.80 7.58 15.85
N LYS A 472 12.70 7.32 14.91
CA LYS A 472 13.14 5.93 14.62
C LYS A 472 14.08 5.41 15.70
N ARG A 473 14.83 6.34 16.30
CA ARG A 473 15.97 5.99 17.16
C ARG A 473 15.67 5.75 18.60
N VAL A 474 14.44 5.94 19.01
CA VAL A 474 13.95 5.53 20.31
C VAL A 474 12.79 4.58 20.11
N SER A 475 12.62 3.60 20.96
CA SER A 475 11.56 2.61 20.73
C SER A 475 10.35 2.81 21.63
N ASP A 476 10.54 3.51 22.74
CA ASP A 476 9.45 3.83 23.66
C ASP A 476 8.34 4.58 22.93
N GLN A 477 7.12 4.07 22.97
CA GLN A 477 6.04 4.61 22.16
C GLN A 477 5.69 6.04 22.58
N LYS A 478 5.69 6.37 23.87
CA LYS A 478 5.32 7.70 24.30
C LYS A 478 6.35 8.66 23.84
N GLU A 479 7.63 8.29 23.89
CA GLU A 479 8.65 9.21 23.37
C GLU A 479 8.53 9.47 21.87
N ARG A 480 8.26 8.40 21.14
CA ARG A 480 8.07 8.53 19.68
C ARG A 480 6.84 9.39 19.41
N GLU A 481 5.78 9.18 20.16
CA GLU A 481 4.57 9.99 20.04
C GLU A 481 4.80 11.49 20.15
N ALA A 482 5.60 11.88 21.13
CA ALA A 482 5.94 13.30 21.27
C ALA A 482 6.62 13.88 20.06
N LEU A 483 7.49 13.11 19.43
CA LEU A 483 8.19 13.63 18.24
C LEU A 483 7.22 13.65 17.07
N TYR A 484 6.40 12.61 16.93
CA TYR A 484 5.43 12.61 15.85
C TYR A 484 4.37 13.69 15.97
N LEU A 485 3.92 14.02 17.18
CA LEU A 485 2.99 15.14 17.34
C LEU A 485 3.55 16.44 16.80
N LYS A 486 4.80 16.70 17.13
CA LYS A 486 5.49 17.88 16.64
C LYS A 486 5.66 17.86 15.12
N ALA A 487 5.97 16.70 14.56
CA ALA A 487 6.09 16.62 13.11
C ALA A 487 4.78 16.95 12.38
N GLN A 488 3.65 16.52 12.96
CA GLN A 488 2.34 16.76 12.37
C GLN A 488 2.05 18.26 12.42
N GLU A 489 2.56 18.95 13.45
CA GLU A 489 2.45 20.43 13.45
C GLU A 489 3.14 21.12 12.29
N ILE A 490 4.36 20.69 12.00
CA ILE A 490 5.18 21.28 10.94
C ILE A 490 4.56 21.05 9.55
N ILE A 491 4.22 19.79 9.23
CA ILE A 491 3.63 19.52 7.94
C ILE A 491 2.31 20.28 7.80
N HIS A 492 1.52 20.42 8.84
CA HIS A 492 0.28 21.22 8.75
C HIS A 492 0.53 22.71 8.42
N LYS A 493 1.53 23.26 9.12
CA LYS A 493 1.97 24.64 8.84
C LYS A 493 2.42 24.82 7.41
N ASP A 494 3.16 23.84 6.89
CA ASP A 494 3.73 23.93 5.54
C ASP A 494 2.72 23.68 4.41
N ALA A 495 1.67 22.95 4.72
CA ALA A 495 0.57 22.60 3.82
C ALA A 495 1.07 22.15 2.46
N PRO A 496 1.94 21.11 2.40
CA PRO A 496 2.43 20.70 1.10
C PRO A 496 1.43 19.80 0.32
N TYR A 497 0.13 19.88 0.62
CA TYR A 497 -0.86 18.97 0.06
C TYR A 497 -2.21 19.50 0.51
N VAL A 498 -3.28 18.87 0.02
CA VAL A 498 -4.61 19.08 0.53
C VAL A 498 -5.12 17.79 1.11
N PRO A 499 -5.20 17.71 2.44
CA PRO A 499 -5.79 16.47 3.00
C PRO A 499 -7.28 16.34 2.66
N LEU A 500 -7.76 15.14 2.30
CA LEU A 500 -9.19 15.03 1.96
C LEU A 500 -9.92 14.13 2.94
N ALA A 501 -9.67 12.83 2.89
CA ALA A 501 -10.47 11.88 3.71
C ALA A 501 -9.69 10.68 4.24
N TYR A 502 -10.22 10.11 5.34
CA TYR A 502 -9.87 8.78 5.84
C TYR A 502 -11.07 7.91 5.38
N PRO A 503 -11.03 7.27 4.21
CA PRO A 503 -12.22 6.51 3.80
C PRO A 503 -12.44 5.30 4.69
N TYR A 504 -13.71 4.96 4.93
CA TYR A 504 -14.03 3.68 5.54
C TYR A 504 -13.62 2.55 4.61
N SER A 505 -13.30 1.41 5.18
CA SER A 505 -13.14 0.21 4.35
CA SER A 505 -13.15 0.17 4.40
C SER A 505 -14.55 -0.40 4.17
N VAL A 506 -14.98 -0.58 2.92
CA VAL A 506 -16.34 -1.01 2.61
C VAL A 506 -16.25 -2.15 1.58
N VAL A 507 -16.69 -3.35 1.98
CA VAL A 507 -16.40 -4.54 1.18
C VAL A 507 -17.67 -5.43 1.06
N PRO A 508 -18.39 -5.30 -0.06
CA PRO A 508 -19.55 -6.15 -0.33
C PRO A 508 -19.15 -7.57 -0.70
N HIS A 509 -19.95 -8.52 -0.21
CA HIS A 509 -19.71 -9.93 -0.53
C HIS A 509 -20.94 -10.77 -0.31
N LEU A 510 -20.94 -11.97 -0.88
CA LEU A 510 -22.08 -12.88 -0.61
C LEU A 510 -22.06 -13.40 0.83
N SER A 511 -23.24 -13.56 1.45
CA SER A 511 -23.30 -14.02 2.84
C SER A 511 -22.61 -15.37 3.06
N LYS A 512 -22.50 -16.24 2.03
CA LYS A 512 -21.82 -17.53 2.17
C LYS A 512 -20.29 -17.39 2.32
N VAL A 513 -19.75 -16.24 1.97
CA VAL A 513 -18.30 -16.00 2.10
C VAL A 513 -17.96 -15.57 3.52
N LYS A 514 -17.21 -16.38 4.25
CA LYS A 514 -16.88 -16.19 5.66
C LYS A 514 -15.39 -16.04 5.80
N GLY A 515 -14.95 -15.40 6.88
CA GLY A 515 -13.55 -15.43 7.24
C GLY A 515 -12.76 -14.21 6.74
N TYR A 516 -13.29 -13.47 5.78
CA TYR A 516 -12.62 -12.27 5.28
C TYR A 516 -12.67 -11.19 6.34
N LYS A 517 -11.63 -10.37 6.50
CA LYS A 517 -11.61 -9.32 7.49
C LYS A 517 -11.15 -7.99 6.85
N THR A 518 -11.90 -6.92 7.09
CA THR A 518 -11.49 -5.61 6.62
C THR A 518 -10.45 -4.95 7.53
N THR A 519 -10.29 -5.47 8.74
CA THR A 519 -9.42 -4.93 9.75
C THR A 519 -7.94 -5.35 9.59
N GLY A 520 -7.05 -4.59 10.20
CA GLY A 520 -5.63 -4.97 10.23
C GLY A 520 -4.93 -4.64 8.91
N VAL A 521 -3.78 -5.28 8.68
CA VAL A 521 -3.04 -5.00 7.43
C VAL A 521 -2.89 -6.26 6.58
N SER A 522 -2.54 -6.13 5.30
CA SER A 522 -2.50 -7.20 4.34
C SER A 522 -3.83 -7.98 4.35
N VAL A 523 -4.93 -7.29 4.04
CA VAL A 523 -6.28 -7.80 4.24
C VAL A 523 -6.70 -8.77 3.15
N ASN A 524 -6.04 -8.72 1.99
CA ASN A 524 -6.43 -9.56 0.88
C ASN A 524 -5.65 -10.85 0.76
N ARG A 525 -5.16 -11.35 1.87
CA ARG A 525 -4.77 -12.75 1.98
C ARG A 525 -6.03 -13.59 2.19
N PHE A 526 -6.15 -14.69 1.45
CA PHE A 526 -7.39 -15.48 1.42
C PHE A 526 -7.34 -16.80 2.17
N PHE A 527 -6.21 -17.07 2.86
CA PHE A 527 -6.02 -18.36 3.55
C PHE A 527 -7.07 -18.64 4.64
N LYS A 528 -7.70 -17.62 5.22
CA LYS A 528 -8.75 -17.82 6.24
C LYS A 528 -10.17 -17.79 5.71
N VAL A 529 -10.34 -17.51 4.43
CA VAL A 529 -11.67 -17.33 3.86
C VAL A 529 -12.22 -18.71 3.53
N TYR A 530 -13.51 -18.91 3.78
CA TYR A 530 -14.18 -20.13 3.42
C TYR A 530 -15.60 -19.88 2.99
N LEU A 531 -16.20 -20.92 2.41
CA LEU A 531 -17.55 -20.88 1.89
C LEU A 531 -18.40 -21.73 2.81
N GLU A 532 -19.45 -21.10 3.32
CA GLU A 532 -20.31 -21.80 4.28
C GLU A 532 -21.12 -22.89 3.57
N LYS A 533 -21.33 -24.04 4.19
CA LYS A 533 -21.97 -25.18 3.49
C LYS A 533 -23.16 -25.89 4.19
N SER B 1 0.82 0.68 1.22
CA SER B 1 0.71 0.44 -0.25
C SER B 1 -0.16 1.53 -0.86
N THR B 2 0.16 1.88 -2.09
CA THR B 2 -0.61 2.85 -2.84
C THR B 2 -2.01 2.33 -3.20
N SER B 3 -3.00 3.19 -2.98
CA SER B 3 -4.42 2.88 -3.21
C SER B 3 -5.09 4.01 -3.99
N ALA B 4 -6.14 3.65 -4.72
CA ALA B 4 -6.85 4.51 -5.68
C ALA B 4 -8.15 4.88 -5.02
#